data_4HFX
#
_entry.id   4HFX
#
_cell.length_a   80.643
_cell.length_b   80.643
_cell.length_c   63.222
_cell.angle_alpha   90.00
_cell.angle_beta   90.00
_cell.angle_gamma   120.00
#
_symmetry.space_group_name_H-M   'P 31'
#
loop_
_entity.id
_entity.type
_entity.pdbx_description
1 polymer 'Transcription elongation factor B polypeptide 3'
2 non-polymer 'SULFATE ION'
3 water water
#
_entity_poly.entity_id   1
_entity_poly.type   'polypeptide(L)'
_entity_poly.pdbx_seq_one_letter_code
;(MSE)GHHHHHHSH(MSE)GVPYSVLEPVLERCTPDQLYRIEEYNHVLIEETDQLWKVHCHRDFKEERPEEYESWRE
(MSE)YLRLQDAREQRLRVLTKNIQFAHANKP
;
_entity_poly.pdbx_strand_id   A,B,C,D
#
# COMPACT_ATOMS: atom_id res chain seq x y z
N PRO A 20 1.64 -23.09 -4.06
CA PRO A 20 3.04 -23.19 -3.62
C PRO A 20 3.82 -21.90 -3.73
N VAL A 21 3.45 -21.03 -4.66
CA VAL A 21 4.12 -19.73 -4.79
C VAL A 21 3.73 -18.82 -3.62
N LEU A 22 2.49 -18.98 -3.16
CA LEU A 22 1.99 -18.25 -1.99
C LEU A 22 2.82 -18.56 -0.75
N GLU A 23 3.30 -19.80 -0.65
CA GLU A 23 4.16 -20.24 0.46
C GLU A 23 5.45 -19.42 0.60
N ARG A 24 5.87 -18.80 -0.50
CA ARG A 24 7.09 -18.00 -0.51
C ARG A 24 6.82 -16.52 -0.27
N CYS A 25 5.54 -16.15 -0.15
CA CYS A 25 5.12 -14.76 0.03
C CYS A 25 5.19 -14.26 1.46
N THR A 26 5.66 -13.03 1.62
CA THR A 26 5.65 -12.33 2.91
C THR A 26 4.22 -12.18 3.39
N PRO A 27 4.02 -11.78 4.65
CA PRO A 27 2.64 -11.55 5.06
C PRO A 27 1.92 -10.54 4.17
N ASP A 28 2.51 -9.37 3.94
CA ASP A 28 1.81 -8.31 3.19
C ASP A 28 1.67 -8.63 1.69
N GLN A 29 2.63 -9.37 1.12
CA GLN A 29 2.45 -9.88 -0.25
C GLN A 29 1.26 -10.81 -0.33
N LEU A 30 1.09 -11.63 0.71
CA LEU A 30 -0.02 -12.56 0.82
C LEU A 30 -1.32 -11.82 1.11
N TYR A 31 -1.26 -10.80 1.97
CA TYR A 31 -2.41 -9.98 2.34
C TYR A 31 -2.97 -9.22 1.14
N ARG A 32 -2.09 -8.50 0.44
CA ARG A 32 -2.47 -7.72 -0.74
C ARG A 32 -3.05 -8.63 -1.82
N ILE A 33 -2.58 -9.88 -1.88
CA ILE A 33 -3.17 -10.89 -2.79
C ILE A 33 -4.63 -11.21 -2.37
N GLU A 34 -4.86 -11.45 -1.07
CA GLU A 34 -6.19 -11.80 -0.52
C GLU A 34 -7.26 -10.67 -0.60
N GLU A 35 -6.81 -9.42 -0.52
CA GLU A 35 -7.72 -8.29 -0.60
C GLU A 35 -8.25 -8.10 -2.03
N TYR A 36 -7.69 -8.85 -2.99
CA TYR A 36 -8.21 -8.94 -4.35
C TYR A 36 -9.22 -10.10 -4.48
N GLU A 43 -9.14 -19.79 2.99
CA GLU A 43 -8.61 -21.03 2.44
C GLU A 43 -7.08 -21.19 2.63
N THR A 44 -6.44 -20.23 3.30
CA THR A 44 -4.98 -20.23 3.51
C THR A 44 -4.49 -19.91 4.93
N ASP A 45 -5.33 -20.17 5.94
CA ASP A 45 -4.96 -19.95 7.36
C ASP A 45 -3.70 -20.69 7.84
N GLN A 46 -3.25 -21.71 7.10
CA GLN A 46 -2.00 -22.42 7.44
C GLN A 46 -0.76 -21.64 7.02
N LEU A 47 -0.91 -20.81 5.98
CA LEU A 47 0.17 -19.89 5.65
C LEU A 47 0.35 -18.91 6.80
N TRP A 48 -0.77 -18.44 7.33
CA TRP A 48 -0.75 -17.51 8.45
C TRP A 48 -0.26 -18.17 9.73
N LYS A 49 -0.59 -19.44 9.92
CA LYS A 49 -0.08 -20.19 11.08
C LYS A 49 1.43 -20.26 11.03
N VAL A 50 1.99 -20.49 9.84
CA VAL A 50 3.43 -20.56 9.67
C VAL A 50 4.07 -19.23 10.03
N HIS A 51 3.52 -18.15 9.47
CA HIS A 51 3.98 -16.79 9.74
C HIS A 51 4.01 -16.51 11.25
N CYS A 52 2.94 -16.89 11.95
CA CYS A 52 2.80 -16.62 13.40
C CYS A 52 3.96 -17.11 14.30
N LYS A 57 5.71 -14.54 17.29
CA LYS A 57 5.79 -15.42 18.46
C LYS A 57 4.94 -16.68 18.22
N GLU A 58 5.30 -17.85 18.77
CA GLU A 58 6.26 -18.04 19.87
C GLU A 58 5.63 -17.63 21.20
N GLU A 59 5.09 -18.61 21.91
CA GLU A 59 4.38 -18.36 23.17
C GLU A 59 3.08 -17.61 22.86
N ARG A 60 2.54 -17.81 21.65
CA ARG A 60 1.38 -17.08 21.15
C ARG A 60 0.41 -18.02 20.48
N PRO A 61 -0.82 -18.14 21.03
CA PRO A 61 -1.92 -18.84 20.38
C PRO A 61 -3.12 -17.94 20.09
N GLU A 62 -3.88 -18.28 19.05
CA GLU A 62 -5.07 -17.51 18.69
C GLU A 62 -6.07 -17.56 19.84
N GLU A 63 -6.69 -16.42 20.15
CA GLU A 63 -7.78 -16.38 21.13
C GLU A 63 -9.00 -17.12 20.56
N TYR A 64 -9.95 -16.41 19.96
CA TYR A 64 -11.11 -17.06 19.28
C TYR A 64 -11.12 -16.74 17.77
N GLU A 65 -9.99 -16.20 17.28
CA GLU A 65 -9.85 -15.70 15.93
C GLU A 65 -9.17 -16.75 15.05
N SER A 66 -8.96 -16.42 13.78
CA SER A 66 -8.12 -17.20 12.89
C SER A 66 -6.64 -16.87 13.12
N TRP A 67 -5.74 -17.67 12.53
CA TRP A 67 -4.30 -17.36 12.54
C TRP A 67 -4.02 -16.02 11.82
N ARG A 68 -4.79 -15.78 10.75
CA ARG A 68 -4.69 -14.58 9.94
C ARG A 68 -5.03 -13.33 10.73
N GLU A 69 -6.14 -13.39 11.44
CA GLU A 69 -6.60 -12.27 12.26
C GLU A 69 -5.62 -11.98 13.39
N TYR A 71 -2.37 -12.54 13.40
CA TYR A 71 -1.16 -11.93 12.82
C TYR A 71 -1.32 -10.43 12.62
N LEU A 72 -2.41 -10.04 11.97
CA LEU A 72 -2.70 -8.63 11.64
C LEU A 72 -2.86 -7.76 12.88
N ARG A 73 -3.33 -8.35 13.98
CA ARG A 73 -3.49 -7.64 15.24
C ARG A 73 -2.14 -7.45 15.93
N LEU A 74 -1.37 -8.53 16.04
CA LEU A 74 -0.02 -8.49 16.61
C LEU A 74 1.01 -7.74 15.77
N GLN A 75 0.81 -7.67 14.46
CA GLN A 75 1.71 -6.91 13.58
C GLN A 75 1.41 -5.40 13.64
N ASP A 76 0.13 -5.07 13.84
CA ASP A 76 -0.30 -3.69 14.04
C ASP A 76 0.34 -3.14 15.31
N ALA A 77 0.18 -3.90 16.40
CA ALA A 77 0.79 -3.57 17.69
C ALA A 77 2.28 -3.38 17.55
N ARG A 78 2.96 -4.34 16.94
CA ARG A 78 4.39 -4.20 16.70
C ARG A 78 4.71 -2.94 15.90
N GLU A 79 3.90 -2.65 14.89
CA GLU A 79 4.10 -1.50 14.00
C GLU A 79 3.92 -0.15 14.69
N GLN A 80 2.88 -0.03 15.51
CA GLN A 80 2.72 1.16 16.36
C GLN A 80 3.93 1.36 17.28
N ARG A 81 4.43 0.26 17.87
CA ARG A 81 5.50 0.34 18.88
C ARG A 81 6.85 0.71 18.30
N LEU A 82 7.15 0.15 17.14
CA LEU A 82 8.28 0.61 16.36
C LEU A 82 8.14 2.07 15.97
N ARG A 83 6.92 2.47 15.56
CA ARG A 83 6.62 3.86 15.17
C ARG A 83 7.10 4.85 16.23
N VAL A 84 6.78 4.56 17.50
CA VAL A 84 7.09 5.47 18.60
C VAL A 84 8.59 5.51 18.89
N LEU A 85 9.22 4.34 18.87
CA LEU A 85 10.66 4.24 19.14
C LEU A 85 11.49 4.98 18.09
N THR A 86 11.04 4.93 16.84
CA THR A 86 11.90 5.26 15.72
C THR A 86 11.77 6.69 15.22
N LYS A 87 10.86 7.48 15.77
CA LYS A 87 10.83 8.90 15.45
C LYS A 87 12.05 9.57 16.08
N ASN A 88 13.21 9.32 15.46
CA ASN A 88 14.51 9.82 15.91
C ASN A 88 14.78 9.67 17.39
N TYR B 15 -23.38 -6.68 -15.76
CA TYR B 15 -22.46 -6.26 -16.86
C TYR B 15 -23.14 -6.48 -18.21
N SER B 16 -22.79 -5.72 -19.25
CA SER B 16 -22.00 -4.50 -19.19
C SER B 16 -22.96 -3.31 -19.14
N VAL B 17 -23.08 -2.73 -17.95
CA VAL B 17 -23.81 -1.48 -17.73
C VAL B 17 -22.98 -0.65 -16.71
N LEU B 18 -21.67 -0.84 -16.75
CA LEU B 18 -20.77 -0.33 -15.69
C LEU B 18 -20.09 0.97 -16.09
N GLU B 19 -20.17 1.33 -17.37
CA GLU B 19 -19.60 2.57 -17.89
C GLU B 19 -19.97 3.75 -16.99
N PRO B 20 -21.29 4.02 -16.80
CA PRO B 20 -21.66 5.25 -16.10
C PRO B 20 -21.24 5.30 -14.62
N VAL B 21 -21.08 4.12 -14.01
CA VAL B 21 -20.68 4.04 -12.61
C VAL B 21 -19.19 4.29 -12.49
N LEU B 22 -18.43 3.64 -13.38
CA LEU B 22 -16.98 3.86 -13.48
C LEU B 22 -16.66 5.27 -13.95
N GLU B 23 -17.58 5.89 -14.69
CA GLU B 23 -17.43 7.28 -15.08
C GLU B 23 -17.33 8.22 -13.88
N ARG B 24 -17.89 7.84 -12.73
CA ARG B 24 -17.87 8.68 -11.52
C ARG B 24 -16.64 8.45 -10.63
N CYS B 25 -15.85 7.44 -10.93
CA CYS B 25 -14.70 7.07 -10.08
C CYS B 25 -13.55 8.05 -10.16
N THR B 26 -12.78 8.12 -9.07
CA THR B 26 -11.48 8.79 -9.11
C THR B 26 -10.49 7.84 -9.82
N PRO B 27 -9.36 8.39 -10.32
CA PRO B 27 -8.35 7.56 -10.99
C PRO B 27 -7.80 6.43 -10.12
N ASP B 28 -7.69 6.68 -8.82
CA ASP B 28 -7.20 5.66 -7.88
C ASP B 28 -8.23 4.56 -7.66
N GLN B 29 -9.51 4.94 -7.58
CA GLN B 29 -10.60 3.97 -7.51
C GLN B 29 -10.71 3.11 -8.77
N LEU B 30 -10.65 3.76 -9.93
CA LEU B 30 -10.70 3.05 -11.22
C LEU B 30 -9.54 2.06 -11.35
N TYR B 31 -8.36 2.47 -10.88
CA TYR B 31 -7.16 1.64 -10.89
C TYR B 31 -7.30 0.41 -10.01
N ARG B 32 -7.85 0.58 -8.80
CA ARG B 32 -7.98 -0.53 -7.86
C ARG B 32 -9.08 -1.51 -8.27
N ILE B 33 -10.08 -1.00 -8.98
CA ILE B 33 -11.13 -1.85 -9.58
C ILE B 33 -10.60 -2.61 -10.80
N GLU B 34 -9.73 -1.97 -11.57
CA GLU B 34 -9.12 -2.62 -12.74
C GLU B 34 -8.06 -3.63 -12.34
N GLU B 35 -7.53 -3.52 -11.13
CA GLU B 35 -6.60 -4.51 -10.59
C GLU B 35 -7.37 -5.70 -10.04
N TYR B 36 -8.57 -5.45 -9.55
CA TYR B 36 -9.50 -6.49 -9.13
C TYR B 36 -10.03 -7.35 -10.30
N ASN B 37 -10.28 -6.72 -11.44
CA ASN B 37 -10.69 -7.44 -12.65
C ASN B 37 -9.98 -6.85 -13.87
N HIS B 38 -9.05 -7.61 -14.43
CA HIS B 38 -8.12 -7.08 -15.43
C HIS B 38 -8.76 -6.79 -16.79
N VAL B 39 -9.75 -7.61 -17.14
CA VAL B 39 -10.48 -7.46 -18.39
C VAL B 39 -11.01 -6.05 -18.61
N LEU B 40 -11.36 -5.36 -17.52
CA LEU B 40 -11.92 -4.00 -17.63
C LEU B 40 -10.93 -3.01 -18.26
N ILE B 41 -9.64 -3.30 -18.16
CA ILE B 41 -8.60 -2.47 -18.76
C ILE B 41 -8.54 -2.68 -20.26
N GLN B 46 -10.98 5.17 -22.63
CA GLN B 46 -11.87 6.31 -22.74
C GLN B 46 -11.92 7.15 -21.46
N LEU B 47 -12.07 6.47 -20.32
CA LEU B 47 -12.17 7.13 -19.01
C LEU B 47 -10.83 7.65 -18.52
N TRP B 48 -9.74 7.10 -19.06
CA TRP B 48 -8.41 7.58 -18.73
C TRP B 48 -8.04 8.83 -19.53
N LYS B 49 -8.68 9.02 -20.68
CA LYS B 49 -8.61 10.28 -21.42
C LYS B 49 -9.22 11.42 -20.59
N VAL B 50 -10.42 11.19 -20.09
CA VAL B 50 -11.07 12.16 -19.19
C VAL B 50 -10.13 12.61 -18.05
N HIS B 51 -9.53 11.65 -17.35
CA HIS B 51 -8.62 11.95 -16.22
C HIS B 51 -7.39 12.71 -16.69
N CYS B 52 -6.88 12.31 -17.87
CA CYS B 52 -5.73 12.96 -18.50
C CYS B 52 -6.03 14.41 -18.80
N HIS B 53 -7.28 14.71 -19.13
CA HIS B 53 -7.72 16.09 -19.34
C HIS B 53 -7.37 16.97 -18.15
N ARG B 54 -7.40 16.42 -16.93
CA ARG B 54 -6.95 17.15 -15.74
C ARG B 54 -5.58 16.65 -15.20
N ASP B 55 -4.67 16.34 -16.11
CA ASP B 55 -3.24 16.13 -15.79
C ASP B 55 -2.43 16.45 -17.06
N PHE B 56 -2.69 17.64 -17.62
CA PHE B 56 -1.91 18.24 -18.73
C PHE B 56 -1.66 17.30 -19.92
N LYS B 57 -0.59 17.58 -20.69
CA LYS B 57 -0.04 16.64 -21.68
C LYS B 57 -0.99 16.20 -22.79
N GLU B 65 2.00 4.58 -23.82
CA GLU B 65 1.52 4.96 -25.13
C GLU B 65 -0.01 5.03 -25.18
N SER B 66 -0.69 4.26 -24.33
CA SER B 66 -2.14 4.37 -24.19
C SER B 66 -2.47 5.45 -23.15
N TRP B 67 -3.65 6.04 -23.27
CA TRP B 67 -4.07 7.06 -22.30
C TRP B 67 -3.82 6.57 -20.87
N ARG B 68 -4.18 5.32 -20.62
CA ARG B 68 -4.01 4.69 -19.31
C ARG B 68 -2.54 4.61 -18.89
N GLU B 69 -1.70 4.09 -19.78
CA GLU B 69 -0.24 3.97 -19.50
C GLU B 69 0.41 5.33 -19.24
N TYR B 71 -1.12 7.99 -17.88
CA TYR B 71 -1.55 8.52 -16.58
C TYR B 71 -0.70 7.95 -15.43
N LEU B 72 -0.48 6.64 -15.46
CA LEU B 72 0.28 5.98 -14.41
C LEU B 72 1.73 6.49 -14.38
N ARG B 73 2.35 6.63 -15.55
CA ARG B 73 3.74 7.09 -15.64
C ARG B 73 3.95 8.52 -15.11
N LEU B 74 3.04 9.44 -15.41
CA LEU B 74 3.12 10.79 -14.85
C LEU B 74 2.79 10.78 -13.34
N GLN B 75 1.89 9.88 -12.93
CA GLN B 75 1.63 9.66 -11.50
C GLN B 75 2.82 9.06 -10.78
N ASP B 76 3.44 8.05 -11.38
CA ASP B 76 4.66 7.45 -10.84
C ASP B 76 5.81 8.47 -10.72
N ALA B 77 5.87 9.43 -11.65
CA ALA B 77 6.83 10.52 -11.54
C ALA B 77 6.48 11.39 -10.35
N ARG B 78 5.20 11.76 -10.25
CA ARG B 78 4.70 12.59 -9.15
C ARG B 78 4.89 11.97 -7.77
N GLU B 79 4.72 10.65 -7.66
CA GLU B 79 4.90 9.96 -6.38
C GLU B 79 6.38 9.85 -5.98
N GLN B 80 7.26 9.54 -6.94
CA GLN B 80 8.71 9.55 -6.69
C GLN B 80 9.12 10.87 -6.02
N ARG B 81 8.64 11.98 -6.59
CA ARG B 81 8.88 13.34 -6.06
C ARG B 81 8.26 13.59 -4.68
N LEU B 82 7.05 13.09 -4.45
CA LEU B 82 6.38 13.25 -3.15
C LEU B 82 7.16 12.65 -1.98
N ARG B 83 7.67 11.44 -2.15
CA ARG B 83 8.49 10.78 -1.13
C ARG B 83 9.70 11.61 -0.73
N VAL B 84 10.42 12.13 -1.71
CA VAL B 84 11.57 12.99 -1.47
C VAL B 84 11.11 14.24 -0.72
N LEU B 85 10.12 14.90 -1.30
CA LEU B 85 9.49 16.05 -0.69
C LEU B 85 8.98 15.76 0.71
N THR B 86 8.42 14.57 0.94
CA THR B 86 7.81 14.25 2.22
C THR B 86 8.75 13.56 3.20
N LYS B 87 10.06 13.75 3.02
CA LYS B 87 11.03 13.32 4.03
C LYS B 87 10.94 14.18 5.29
N ASN B 88 10.59 15.47 5.14
CA ASN B 88 10.41 16.36 6.29
C ASN B 88 8.97 16.88 6.36
N TYR C 15 6.81 24.12 6.61
CA TYR C 15 6.08 23.16 5.70
C TYR C 15 4.63 23.54 5.42
N SER C 16 4.39 24.84 5.22
CA SER C 16 3.25 25.31 4.43
C SER C 16 3.71 25.43 2.97
N VAL C 17 4.98 25.09 2.75
CA VAL C 17 5.59 25.03 1.42
C VAL C 17 5.07 23.80 0.66
N LEU C 18 4.72 22.75 1.39
CA LEU C 18 4.26 21.49 0.80
C LEU C 18 2.82 21.58 0.27
N GLU C 19 2.05 22.47 0.88
CA GLU C 19 0.62 22.69 0.56
C GLU C 19 0.27 22.59 -0.92
N PRO C 20 0.93 23.39 -1.78
CA PRO C 20 0.55 23.37 -3.18
C PRO C 20 0.81 22.01 -3.84
N VAL C 21 1.95 21.40 -3.54
CA VAL C 21 2.22 20.05 -4.01
C VAL C 21 1.11 19.11 -3.54
N LEU C 22 0.78 19.22 -2.25
CA LEU C 22 -0.13 18.28 -1.59
C LEU C 22 -1.57 18.42 -2.07
N GLU C 23 -1.94 19.60 -2.53
CA GLU C 23 -3.29 19.87 -3.04
C GLU C 23 -3.52 19.33 -4.45
N ARG C 24 -2.45 18.92 -5.14
CA ARG C 24 -2.55 18.26 -6.44
C ARG C 24 -2.64 16.74 -6.33
N CYS C 25 -2.33 16.22 -5.15
CA CYS C 25 -2.38 14.78 -4.87
C CYS C 25 -3.79 14.25 -5.03
N THR C 26 -3.91 13.03 -5.57
CA THR C 26 -5.17 12.29 -5.46
C THR C 26 -5.37 11.89 -3.97
N PRO C 27 -6.62 11.55 -3.57
CA PRO C 27 -6.86 11.22 -2.14
C PRO C 27 -6.08 10.01 -1.60
N ASP C 28 -5.71 9.07 -2.48
CA ASP C 28 -4.91 7.92 -2.08
C ASP C 28 -3.49 8.34 -1.75
N GLN C 29 -2.94 9.24 -2.55
CA GLN C 29 -1.58 9.76 -2.34
C GLN C 29 -1.57 10.59 -1.08
N LEU C 30 -2.63 11.37 -0.91
CA LEU C 30 -2.80 12.21 0.26
C LEU C 30 -2.82 11.34 1.52
N TYR C 31 -3.72 10.35 1.54
CA TYR C 31 -3.86 9.41 2.64
C TYR C 31 -2.54 8.73 3.03
N ARG C 32 -1.87 8.12 2.05
CA ARG C 32 -0.59 7.45 2.30
C ARG C 32 0.36 8.35 3.08
N ILE C 33 0.39 9.63 2.68
CA ILE C 33 1.17 10.67 3.32
C ILE C 33 0.40 11.16 4.55
N GLU C 34 0.44 10.40 5.64
CA GLU C 34 -0.32 10.75 6.86
C GLU C 34 -0.20 9.63 7.91
N ILE C 41 0.29 15.77 8.46
CA ILE C 41 -0.33 15.50 9.77
C ILE C 41 -1.79 15.98 9.79
N GLU C 42 -2.22 16.57 10.92
CA GLU C 42 -3.61 16.96 11.13
C GLU C 42 -3.90 18.42 10.73
N GLU C 43 -3.50 18.77 9.50
CA GLU C 43 -3.80 20.08 8.92
C GLU C 43 -4.21 20.01 7.45
N THR C 44 -4.64 18.82 6.99
CA THR C 44 -4.86 18.54 5.57
C THR C 44 -6.35 18.34 5.22
N ASP C 45 -7.23 19.07 5.90
CA ASP C 45 -8.68 18.97 5.70
C ASP C 45 -9.24 20.26 5.10
N SER C 66 -15.12 14.10 10.79
CA SER C 66 -14.38 15.05 9.93
C SER C 66 -14.64 14.78 8.46
N TRP C 67 -14.09 15.65 7.61
CA TRP C 67 -14.20 15.49 6.15
C TRP C 67 -13.39 14.31 5.62
N ARG C 68 -12.24 14.04 6.25
CA ARG C 68 -11.38 12.92 5.87
C ARG C 68 -12.06 11.58 6.21
N GLU C 69 -12.83 11.57 7.29
CA GLU C 69 -13.56 10.38 7.74
C GLU C 69 -14.84 10.14 6.93
N TYR C 71 -15.05 11.04 3.76
CA TYR C 71 -14.53 10.58 2.46
C TYR C 71 -14.15 9.11 2.47
N LEU C 72 -13.39 8.70 3.49
CA LEU C 72 -12.92 7.31 3.59
C LEU C 72 -14.07 6.34 3.82
N ARG C 73 -15.08 6.78 4.56
CA ARG C 73 -16.28 5.98 4.77
C ARG C 73 -17.10 5.81 3.48
N LEU C 74 -17.39 6.90 2.80
CA LEU C 74 -18.13 6.86 1.53
C LEU C 74 -17.33 6.23 0.39
N GLN C 75 -16.01 6.38 0.40
CA GLN C 75 -15.15 5.72 -0.60
C GLN C 75 -15.13 4.21 -0.42
N ASP C 76 -14.86 3.77 0.81
CA ASP C 76 -14.91 2.35 1.13
C ASP C 76 -16.26 1.78 0.72
N ALA C 77 -17.33 2.42 1.19
CA ALA C 77 -18.70 2.06 0.79
C ALA C 77 -18.87 1.91 -0.73
N ARG C 78 -18.32 2.87 -1.49
CA ARG C 78 -18.39 2.81 -2.95
C ARG C 78 -17.58 1.65 -3.50
N GLU C 79 -16.38 1.44 -2.96
CA GLU C 79 -15.53 0.33 -3.39
C GLU C 79 -16.25 -1.04 -3.21
N GLN C 80 -16.91 -1.24 -2.08
CA GLN C 80 -17.62 -2.51 -1.82
C GLN C 80 -18.71 -2.80 -2.88
N ARG C 81 -19.38 -1.74 -3.36
CA ARG C 81 -20.39 -1.88 -4.40
C ARG C 81 -19.77 -2.21 -5.78
N LEU C 82 -18.68 -1.53 -6.11
CA LEU C 82 -18.02 -1.74 -7.40
C LEU C 82 -17.50 -3.15 -7.55
N ARG C 83 -16.93 -3.71 -6.48
CA ARG C 83 -16.40 -5.08 -6.51
C ARG C 83 -17.48 -6.09 -6.83
N VAL C 84 -18.70 -5.79 -6.39
CA VAL C 84 -19.86 -6.63 -6.69
C VAL C 84 -20.24 -6.44 -8.17
N LEU C 85 -20.47 -5.19 -8.57
CA LEU C 85 -20.78 -4.86 -9.97
C LEU C 85 -19.73 -5.34 -10.99
N THR C 86 -18.47 -5.50 -10.56
CA THR C 86 -17.39 -5.90 -11.45
C THR C 86 -16.96 -7.34 -11.29
N LYS C 87 -17.38 -7.98 -10.21
CA LYS C 87 -17.08 -9.38 -9.97
C LYS C 87 -17.06 -10.18 -11.27
N ASN C 88 -18.17 -10.13 -12.00
CA ASN C 88 -18.39 -10.96 -13.20
C ASN C 88 -18.67 -10.11 -14.45
N PRO D 14 19.12 5.54 20.50
CA PRO D 14 20.28 5.22 19.63
C PRO D 14 20.10 3.94 18.84
N TYR D 15 20.61 3.89 17.62
CA TYR D 15 20.45 2.70 16.78
C TYR D 15 20.86 1.42 17.47
N SER D 16 21.94 1.50 18.28
CA SER D 16 22.43 0.36 19.04
C SER D 16 21.36 -0.25 19.97
N VAL D 17 20.38 0.56 20.37
CA VAL D 17 19.28 0.11 21.20
C VAL D 17 18.10 -0.35 20.35
N LEU D 18 17.88 0.32 19.22
CA LEU D 18 16.84 -0.09 18.28
C LEU D 18 17.19 -1.38 17.55
N GLU D 19 18.48 -1.54 17.24
CA GLU D 19 18.98 -2.62 16.37
C GLU D 19 18.36 -4.03 16.57
N PRO D 20 18.38 -4.59 17.80
CA PRO D 20 17.90 -5.98 17.99
C PRO D 20 16.39 -6.17 17.88
N VAL D 21 15.63 -5.08 17.97
CA VAL D 21 14.21 -5.13 17.74
C VAL D 21 13.99 -5.17 16.23
N LEU D 22 14.68 -4.29 15.51
CA LEU D 22 14.67 -4.31 14.04
C LEU D 22 15.00 -5.68 13.44
N GLU D 23 15.86 -6.44 14.11
CA GLU D 23 16.20 -7.80 13.67
C GLU D 23 15.03 -8.81 13.76
N ARG D 24 14.03 -8.51 14.57
CA ARG D 24 12.84 -9.37 14.68
C ARG D 24 11.76 -8.99 13.67
N CYS D 25 11.91 -7.83 13.03
CA CYS D 25 11.01 -7.40 11.96
C CYS D 25 11.14 -8.24 10.71
N THR D 26 10.04 -8.32 9.96
CA THR D 26 10.00 -8.93 8.65
C THR D 26 10.47 -7.90 7.62
N PRO D 27 10.89 -8.37 6.42
CA PRO D 27 11.42 -7.45 5.40
C PRO D 27 10.51 -6.25 5.11
N ASP D 28 9.23 -6.53 4.91
CA ASP D 28 8.28 -5.48 4.57
C ASP D 28 8.02 -4.56 5.78
N GLN D 29 8.14 -5.11 6.97
CA GLN D 29 8.02 -4.33 8.19
C GLN D 29 9.24 -3.45 8.39
N LEU D 30 10.43 -4.00 8.12
CA LEU D 30 11.67 -3.22 8.14
C LEU D 30 11.59 -2.07 7.14
N TYR D 31 11.24 -2.40 5.89
CA TYR D 31 11.08 -1.42 4.82
C TYR D 31 10.07 -0.31 5.16
N ARG D 32 8.95 -0.68 5.77
CA ARG D 32 7.94 0.30 6.19
C ARG D 32 8.46 1.23 7.29
N ILE D 33 9.21 0.68 8.24
CA ILE D 33 9.89 1.49 9.25
C ILE D 33 10.93 2.39 8.59
N GLU D 34 11.61 1.85 7.57
CA GLU D 34 12.60 2.61 6.83
C GLU D 34 11.94 3.76 6.03
N GLU D 35 10.76 3.53 5.47
CA GLU D 35 10.02 4.59 4.78
C GLU D 35 9.38 5.58 5.77
N TYR D 36 9.15 5.12 7.01
CA TYR D 36 8.65 6.00 8.08
C TYR D 36 9.74 6.96 8.55
N ASN D 37 10.93 6.42 8.80
CA ASN D 37 12.09 7.22 9.15
C ASN D 37 13.27 6.78 8.28
N HIS D 38 13.60 7.65 7.34
CA HIS D 38 14.49 7.32 6.22
C HIS D 38 15.96 7.34 6.66
N VAL D 39 16.22 8.04 7.76
CA VAL D 39 17.53 8.06 8.42
C VAL D 39 18.00 6.65 8.79
N LEU D 40 17.04 5.74 9.02
CA LEU D 40 17.38 4.36 9.27
C LEU D 40 18.12 3.79 8.09
N ILE D 41 19.28 3.22 8.43
CA ILE D 41 20.38 2.90 7.53
C ILE D 41 21.50 2.44 8.48
N GLU D 42 22.50 1.75 7.95
CA GLU D 42 23.24 0.84 8.80
C GLU D 42 22.25 -0.28 9.08
N GLU D 43 21.23 -0.39 8.22
CA GLU D 43 20.27 -1.50 8.24
C GLU D 43 20.70 -2.54 7.21
N THR D 44 21.82 -2.27 6.52
CA THR D 44 22.36 -3.13 5.45
C THR D 44 22.38 -4.61 5.81
N ASP D 45 22.92 -4.93 7.00
CA ASP D 45 22.86 -6.30 7.53
C ASP D 45 21.43 -6.83 7.40
N GLN D 46 21.15 -7.44 6.25
CA GLN D 46 19.81 -7.92 5.88
C GLN D 46 19.95 -9.28 5.15
N SER D 66 23.71 -4.86 -3.87
CA SER D 66 24.36 -4.33 -2.68
C SER D 66 23.54 -3.26 -1.96
N TRP D 67 22.89 -3.58 -0.82
CA TRP D 67 22.75 -4.94 -0.27
C TRP D 67 21.30 -5.22 0.15
N ARG D 68 20.76 -4.38 1.04
CA ARG D 68 19.34 -4.40 1.37
C ARG D 68 18.60 -3.72 0.22
N GLU D 69 18.78 -4.26 -0.97
CA GLU D 69 18.40 -3.61 -2.22
C GLU D 69 18.42 -4.63 -3.37
N TYR D 71 17.68 -7.39 -2.36
CA TYR D 71 16.40 -7.90 -1.85
C TYR D 71 15.21 -7.23 -2.53
N LEU D 72 15.24 -5.90 -2.58
CA LEU D 72 14.17 -5.09 -3.16
C LEU D 72 14.04 -5.26 -4.69
N ARG D 73 15.16 -5.51 -5.37
CA ARG D 73 15.15 -5.78 -6.81
C ARG D 73 14.56 -7.19 -7.08
N LEU D 74 15.01 -8.16 -6.29
CA LEU D 74 14.53 -9.54 -6.41
C LEU D 74 13.06 -9.67 -5.99
N GLN D 75 12.68 -9.01 -4.90
CA GLN D 75 11.29 -9.06 -4.45
C GLN D 75 10.34 -8.40 -5.44
N ASP D 76 10.78 -7.29 -6.02
CA ASP D 76 10.01 -6.63 -7.09
C ASP D 76 9.88 -7.53 -8.33
N ALA D 77 10.89 -8.34 -8.61
CA ALA D 77 10.79 -9.37 -9.65
C ALA D 77 9.68 -10.37 -9.33
N ARG D 78 9.74 -10.92 -8.12
CA ARG D 78 8.72 -11.82 -7.62
C ARG D 78 7.33 -11.19 -7.66
N GLU D 79 7.21 -9.93 -7.22
CA GLU D 79 5.92 -9.22 -7.17
C GLU D 79 5.26 -9.03 -8.54
N GLN D 80 6.05 -8.64 -9.54
CA GLN D 80 5.56 -8.55 -10.92
C GLN D 80 4.99 -9.89 -11.42
N ARG D 81 5.71 -10.98 -11.12
CA ARG D 81 5.32 -12.33 -11.54
C ARG D 81 4.04 -12.78 -10.83
N LEU D 82 3.97 -12.53 -9.53
CA LEU D 82 2.78 -12.79 -8.72
C LEU D 82 1.54 -12.06 -9.24
N ARG D 83 1.69 -10.78 -9.60
CA ARG D 83 0.62 -10.00 -10.21
C ARG D 83 -0.08 -10.78 -11.32
N VAL D 84 0.71 -11.38 -12.22
CA VAL D 84 0.16 -12.17 -13.33
C VAL D 84 -0.43 -13.50 -12.86
N LEU D 85 0.12 -14.03 -11.76
CA LEU D 85 -0.22 -15.35 -11.18
C LEU D 85 0.51 -16.46 -11.94
#